data_8AN8
#
_entry.id   8AN8
#
_cell.length_a   42.838
_cell.length_b   52.181
_cell.length_c   84.074
_cell.angle_alpha   74.260
_cell.angle_beta   77.640
_cell.angle_gamma   70.550
#
_symmetry.space_group_name_H-M   'P 1'
#
loop_
_entity.id
_entity.type
_entity.pdbx_description
1 polymer 'Hepatocyte growth factor receptor'
2 non-polymer 'SULFATE ION'
3 non-polymer 3-[bis(fluoranyl)methyl]-~{N}-methyl-~{N}-[(1~{R})-8-methyl-5-(3-methyl-1~{H}-indazol-6-yl)-1,2,3,4-tetrahydronaphthalen-1-yl]pyridine-2-carboxamide
4 water water
#
_entity_poly.entity_id   1
_entity_poly.type   'polypeptide(L)'
_entity_poly.pdbx_seq_one_letter_code
;GHIDLSALNPELVQAVQHVVIGPSSLIVHFNEVIGRGHFGCVYHGTLLDNDGKKIHCAVKSLNRITDIGEVSQFLTEGII
MKDFSHPNVLSLLGICLRSEGSPLVVLPYMKHGDLRNFIRNETHNPTVKDLIGFGLQVAKGMKYLASKKFVHRDLAARNC
MLDEKFTVKVADFGLARDMYDKEYYSVHNKTGAKLPVKWMALESLQTQKFTTKSDVWSFGVLLWELMTRGAPPYPDVNTF
DITVYLLQGRRLLQPEYCPDPLYEVMLKCWHPKAEMRPSFSELVSRISAIFSTFIG
;
_entity_poly.pdbx_strand_id   A,B
#
loop_
_chem_comp.id
_chem_comp.type
_chem_comp.name
_chem_comp.formula
MDI non-polymer 3-[bis(fluoranyl)methyl]-~{N}-methyl-~{N}-[(1~{R})-8-methyl-5-(3-methyl-1~{H}-indazol-6-yl)-1,2,3,4-tetrahydronaphthalen-1-yl]pyridine-2-carboxamide 'C27 H26 F2 N4 O'
SO4 non-polymer 'SULFATE ION' 'O4 S -2'
#
# COMPACT_ATOMS: atom_id res chain seq x y z
N PRO A 23 20.29 14.03 -48.01
CA PRO A 23 21.00 15.06 -48.80
C PRO A 23 20.04 16.19 -49.20
N SER A 24 19.09 15.91 -50.10
CA SER A 24 18.05 16.87 -50.43
C SER A 24 16.69 16.48 -49.80
N SER A 25 16.70 15.60 -48.79
CA SER A 25 15.47 15.15 -48.12
C SER A 25 15.25 15.83 -46.74
N LEU A 26 16.02 16.87 -46.41
CA LEU A 26 15.86 17.56 -45.13
C LEU A 26 15.77 19.09 -45.28
N ILE A 27 14.66 19.68 -44.85
CA ILE A 27 14.52 21.13 -44.81
C ILE A 27 14.76 21.54 -43.33
N VAL A 28 15.83 22.30 -43.03
CA VAL A 28 16.13 22.71 -41.64
C VAL A 28 15.90 24.20 -41.36
N HIS A 29 15.13 24.52 -40.31
CA HIS A 29 14.86 25.90 -39.91
C HIS A 29 15.78 26.35 -38.80
N PHE A 30 16.97 26.87 -39.16
CA PHE A 30 17.97 27.37 -38.23
C PHE A 30 17.54 28.63 -37.45
N ASN A 31 16.44 29.26 -37.87
CA ASN A 31 15.89 30.40 -37.16
C ASN A 31 14.74 29.98 -36.19
N GLU A 32 14.48 28.65 -36.03
CA GLU A 32 13.40 28.16 -35.17
C GLU A 32 13.87 27.03 -34.26
N VAL A 33 14.07 27.31 -32.96
CA VAL A 33 14.45 26.26 -32.04
C VAL A 33 13.26 25.68 -31.31
N ILE A 34 13.37 24.40 -31.00
CA ILE A 34 12.38 23.62 -30.28
C ILE A 34 12.53 23.90 -28.78
N GLY A 35 11.38 23.98 -28.11
CA GLY A 35 11.27 24.16 -26.67
C GLY A 35 12.02 25.32 -26.04
N ARG A 36 11.94 26.51 -26.65
CA ARG A 36 12.52 27.75 -26.16
C ARG A 36 13.95 27.65 -25.57
N GLY A 37 14.78 26.79 -26.13
CA GLY A 37 16.16 26.66 -25.68
C GLY A 37 16.42 25.67 -24.57
N HIS A 38 15.36 25.13 -23.95
CA HIS A 38 15.46 24.18 -22.83
C HIS A 38 16.20 22.90 -23.16
N PHE A 39 16.39 22.61 -24.46
CA PHE A 39 17.15 21.43 -24.89
C PHE A 39 18.45 21.78 -25.65
N GLY A 40 18.85 23.05 -25.65
CA GLY A 40 20.03 23.54 -26.37
C GLY A 40 19.65 23.96 -27.76
N CYS A 41 20.60 23.89 -28.71
CA CYS A 41 20.32 24.26 -30.09
C CYS A 41 19.76 23.08 -30.86
N VAL A 42 18.45 22.90 -30.76
CA VAL A 42 17.73 21.84 -31.48
C VAL A 42 16.68 22.58 -32.30
N TYR A 43 16.64 22.32 -33.62
CA TYR A 43 15.81 23.06 -34.57
C TYR A 43 14.64 22.32 -35.18
N HIS A 44 13.64 23.09 -35.64
CA HIS A 44 12.50 22.52 -36.34
C HIS A 44 12.95 22.11 -37.72
N GLY A 45 12.60 20.89 -38.10
CA GLY A 45 12.94 20.35 -39.41
C GLY A 45 11.77 19.67 -40.06
N THR A 46 11.92 19.32 -41.31
CA THR A 46 10.91 18.60 -42.08
C THR A 46 11.66 17.58 -42.90
N LEU A 47 11.36 16.31 -42.68
CA LEU A 47 12.01 15.21 -43.37
C LEU A 47 11.10 14.68 -44.47
N LEU A 48 11.67 14.47 -45.67
CA LEU A 48 10.92 13.96 -46.83
C LEU A 48 11.02 12.44 -46.93
N LYS A 54 5.70 14.63 -45.78
CA LYS A 54 6.47 15.60 -44.98
C LYS A 54 6.32 15.30 -43.50
N ILE A 55 7.41 14.87 -42.86
CA ILE A 55 7.40 14.52 -41.45
C ILE A 55 8.05 15.63 -40.62
N HIS A 56 7.36 16.13 -39.56
CA HIS A 56 7.92 17.13 -38.65
C HIS A 56 9.00 16.45 -37.77
N CYS A 57 10.13 17.13 -37.55
CA CYS A 57 11.22 16.55 -36.78
C CYS A 57 12.05 17.58 -35.96
N ALA A 58 13.02 17.08 -35.19
CA ALA A 58 13.95 17.86 -34.38
C ALA A 58 15.37 17.62 -34.89
N VAL A 59 16.07 18.68 -35.25
CA VAL A 59 17.40 18.59 -35.88
C VAL A 59 18.52 19.18 -35.02
N LYS A 60 19.58 18.41 -34.76
CA LYS A 60 20.72 18.92 -33.98
C LYS A 60 22.04 18.77 -34.74
N SER A 61 22.99 19.71 -34.54
CA SER A 61 24.29 19.71 -35.22
C SER A 61 25.46 19.25 -34.32
N GLY A 69 30.72 12.61 -30.16
CA GLY A 69 30.79 11.40 -29.37
C GLY A 69 30.15 11.51 -28.00
N GLU A 70 30.03 12.73 -27.47
CA GLU A 70 29.41 12.99 -26.16
C GLU A 70 27.84 12.90 -26.20
N VAL A 71 27.28 12.58 -27.38
CA VAL A 71 25.85 12.42 -27.66
C VAL A 71 25.23 11.28 -26.79
N SER A 72 23.88 11.20 -26.72
CA SER A 72 23.16 10.14 -25.99
C SER A 72 23.60 8.75 -26.51
N GLN A 73 23.75 7.75 -25.63
CA GLN A 73 24.15 6.40 -26.07
C GLN A 73 23.08 5.71 -26.91
N PHE A 74 21.81 6.10 -26.76
CA PHE A 74 20.70 5.54 -27.55
C PHE A 74 20.84 5.92 -29.04
N LEU A 75 21.49 7.07 -29.32
CA LEU A 75 21.68 7.57 -30.66
C LEU A 75 22.84 6.81 -31.32
N THR A 76 23.95 6.65 -30.59
CA THR A 76 25.10 5.87 -31.07
C THR A 76 24.75 4.37 -31.23
N GLU A 77 23.73 3.90 -30.50
CA GLU A 77 23.24 2.54 -30.62
C GLU A 77 22.40 2.41 -31.90
N GLY A 78 21.59 3.42 -32.20
CA GLY A 78 20.77 3.45 -33.40
C GLY A 78 21.54 3.57 -34.70
N ILE A 79 22.84 3.93 -34.62
CA ILE A 79 23.71 4.09 -35.78
C ILE A 79 24.55 2.83 -36.03
N ILE A 80 25.16 2.30 -34.97
CA ILE A 80 26.04 1.15 -35.05
C ILE A 80 25.32 -0.21 -34.92
N MET A 81 24.32 -0.32 -34.03
CA MET A 81 23.66 -1.61 -33.79
C MET A 81 22.51 -1.93 -34.76
N PHE A 84 18.05 -1.51 -32.68
CA PHE A 84 17.73 -0.66 -31.54
C PHE A 84 16.65 0.37 -31.85
N SER A 85 15.40 0.00 -31.60
CA SER A 85 14.25 0.88 -31.81
C SER A 85 13.03 0.31 -31.09
N HIS A 86 12.23 1.18 -30.49
CA HIS A 86 11.01 0.77 -29.82
C HIS A 86 10.01 1.93 -29.84
N PRO A 87 8.69 1.71 -30.03
CA PRO A 87 7.75 2.84 -30.07
C PRO A 87 7.69 3.70 -28.81
N ASN A 88 8.01 3.11 -27.66
CA ASN A 88 8.01 3.84 -26.39
C ASN A 88 9.38 4.33 -25.98
N VAL A 89 10.35 4.42 -26.91
CA VAL A 89 11.69 4.91 -26.66
C VAL A 89 12.01 6.01 -27.68
N LEU A 90 12.47 7.20 -27.24
CA LEU A 90 12.80 8.27 -28.20
C LEU A 90 14.15 7.97 -28.80
N SER A 91 14.16 7.66 -30.11
CA SER A 91 15.37 7.25 -30.81
C SER A 91 15.57 7.96 -32.16
N LEU A 92 16.75 7.80 -32.73
CA LEU A 92 17.17 8.34 -34.01
C LEU A 92 16.25 8.02 -35.19
N LEU A 93 15.88 9.08 -35.95
CA LEU A 93 15.15 8.97 -37.22
C LEU A 93 16.18 8.67 -38.34
N GLY A 94 17.32 9.37 -38.30
CA GLY A 94 18.42 9.21 -39.24
C GLY A 94 19.54 10.22 -39.05
N ILE A 95 20.56 10.15 -39.89
CA ILE A 95 21.70 11.08 -39.88
C ILE A 95 21.84 11.71 -41.30
N CYS A 96 22.11 13.04 -41.39
CA CYS A 96 22.23 13.74 -42.67
C CYS A 96 23.56 14.49 -42.83
N LEU A 97 24.19 14.42 -44.01
CA LEU A 97 25.45 15.14 -44.26
C LEU A 97 25.38 15.91 -45.58
N PRO A 103 27.59 17.36 -39.04
CA PRO A 103 26.55 16.40 -39.40
C PRO A 103 25.21 16.71 -38.74
N LEU A 104 24.11 16.27 -39.34
CA LEU A 104 22.78 16.52 -38.81
C LEU A 104 22.12 15.28 -38.22
N VAL A 105 21.92 15.29 -36.89
CA VAL A 105 21.28 14.20 -36.16
C VAL A 105 19.79 14.52 -36.10
N VAL A 106 18.96 13.66 -36.70
CA VAL A 106 17.54 13.94 -36.75
C VAL A 106 16.78 12.92 -35.93
N LEU A 107 15.93 13.44 -35.03
CA LEU A 107 15.07 12.68 -34.13
C LEU A 107 13.61 13.10 -34.46
N PRO A 108 12.57 12.32 -34.07
CA PRO A 108 11.20 12.76 -34.31
C PRO A 108 10.78 13.89 -33.36
N TYR A 109 9.82 14.71 -33.80
CA TYR A 109 9.28 15.80 -33.04
C TYR A 109 8.21 15.34 -32.07
N MET A 110 8.29 15.79 -30.84
CA MET A 110 7.33 15.43 -29.79
C MET A 110 6.55 16.69 -29.39
N LYS A 111 5.25 16.73 -29.68
CA LYS A 111 4.40 17.87 -29.39
C LYS A 111 4.52 18.36 -27.94
N HIS A 112 4.68 17.43 -26.99
CA HIS A 112 4.76 17.73 -25.56
C HIS A 112 6.06 17.17 -25.01
N GLY A 113 7.12 17.98 -25.06
CA GLY A 113 8.49 17.61 -24.69
C GLY A 113 8.78 17.28 -23.23
N ASP A 114 7.75 17.19 -22.41
CA ASP A 114 7.92 16.89 -20.99
C ASP A 114 6.58 16.35 -20.52
N LEU A 115 6.55 15.09 -20.11
CA LEU A 115 5.33 14.48 -19.60
C LEU A 115 4.94 15.13 -18.26
N ARG A 116 5.93 15.51 -17.43
CA ARG A 116 5.64 16.17 -16.16
C ARG A 116 4.88 17.48 -16.37
N ASN A 117 5.26 18.26 -17.42
CA ASN A 117 4.60 19.53 -17.74
C ASN A 117 3.19 19.30 -18.27
N PHE A 118 3.04 18.29 -19.12
CA PHE A 118 1.77 17.91 -19.70
C PHE A 118 0.71 17.60 -18.61
N ILE A 119 1.02 16.66 -17.67
CA ILE A 119 0.10 16.26 -16.60
C ILE A 119 -0.14 17.39 -15.58
N ARG A 120 0.80 18.33 -15.45
CA ARG A 120 0.69 19.48 -14.55
C ARG A 120 -0.14 20.63 -15.16
N ASN A 121 -0.25 20.69 -16.49
CA ASN A 121 -0.98 21.76 -17.16
C ASN A 121 -2.47 21.57 -16.92
N GLU A 122 -3.14 22.63 -16.42
CA GLU A 122 -4.56 22.58 -16.10
C GLU A 122 -5.48 22.56 -17.31
N THR A 123 -4.97 22.92 -18.50
CA THR A 123 -5.80 22.85 -19.72
C THR A 123 -6.04 21.38 -20.18
N HIS A 124 -5.20 20.43 -19.68
CA HIS A 124 -5.33 19.01 -19.98
C HIS A 124 -5.97 18.37 -18.78
N ASN A 125 -6.92 17.49 -19.04
CA ASN A 125 -7.61 16.81 -17.95
C ASN A 125 -7.54 15.30 -18.22
N PRO A 126 -6.36 14.69 -18.00
CA PRO A 126 -6.24 13.25 -18.26
C PRO A 126 -6.94 12.45 -17.16
N THR A 127 -7.57 11.34 -17.55
CA THR A 127 -8.28 10.51 -16.59
C THR A 127 -7.30 9.56 -15.87
N VAL A 128 -7.78 8.86 -14.82
CA VAL A 128 -6.97 7.87 -14.10
C VAL A 128 -6.57 6.73 -15.05
N LYS A 129 -7.43 6.39 -16.04
CA LYS A 129 -7.07 5.35 -17.02
C LYS A 129 -5.96 5.83 -17.96
N ASP A 130 -6.02 7.09 -18.44
CA ASP A 130 -4.96 7.65 -19.28
C ASP A 130 -3.60 7.70 -18.54
N LEU A 131 -3.57 8.14 -17.26
CA LEU A 131 -2.34 8.23 -16.46
C LEU A 131 -1.72 6.85 -16.24
N ILE A 132 -2.54 5.82 -15.95
CA ILE A 132 -2.05 4.44 -15.81
C ILE A 132 -1.50 3.98 -17.17
N GLY A 133 -2.22 4.31 -18.25
CA GLY A 133 -1.79 4.02 -19.62
C GLY A 133 -0.42 4.60 -19.95
N PHE A 134 -0.15 5.87 -19.53
CA PHE A 134 1.16 6.54 -19.74
C PHE A 134 2.29 5.74 -19.04
N GLY A 135 2.01 5.23 -17.85
CA GLY A 135 2.97 4.46 -17.06
C GLY A 135 3.25 3.11 -17.69
N LEU A 136 2.23 2.48 -18.27
CA LEU A 136 2.34 1.21 -18.96
C LEU A 136 3.26 1.35 -20.16
N GLN A 137 3.17 2.47 -20.87
CA GLN A 137 4.00 2.76 -22.02
C GLN A 137 5.48 2.91 -21.57
N VAL A 138 5.74 3.63 -20.46
CA VAL A 138 7.09 3.80 -19.90
C VAL A 138 7.68 2.45 -19.55
N ALA A 139 6.90 1.61 -18.89
CA ALA A 139 7.32 0.27 -18.54
C ALA A 139 7.61 -0.55 -19.79
N LYS A 140 6.88 -0.32 -20.90
CA LYS A 140 7.17 -1.06 -22.14
C LYS A 140 8.54 -0.64 -22.72
N GLY A 141 8.81 0.65 -22.75
CA GLY A 141 10.09 1.16 -23.23
C GLY A 141 11.24 0.70 -22.36
N MET A 142 11.00 0.64 -21.04
CA MET A 142 12.01 0.23 -20.07
C MET A 142 12.30 -1.26 -20.16
N LYS A 143 11.26 -2.07 -20.40
CA LYS A 143 11.40 -3.52 -20.57
C LYS A 143 12.30 -3.78 -21.81
N TYR A 144 12.11 -3.00 -22.87
CA TYR A 144 12.93 -3.08 -24.09
C TYR A 144 14.40 -2.68 -23.83
N LEU A 145 14.63 -1.53 -23.16
CA LEU A 145 15.96 -1.02 -22.83
C LEU A 145 16.71 -1.95 -21.90
N ALA A 146 16.01 -2.61 -20.99
CA ALA A 146 16.63 -3.55 -20.05
C ALA A 146 17.03 -4.82 -20.80
N SER A 147 16.25 -5.25 -21.80
CA SER A 147 16.63 -6.40 -22.64
C SER A 147 17.94 -6.08 -23.40
N LYS A 148 18.15 -4.81 -23.73
CA LYS A 148 19.36 -4.33 -24.39
C LYS A 148 20.52 -4.08 -23.43
N LYS A 149 20.35 -4.39 -22.12
CA LYS A 149 21.33 -4.24 -21.04
C LYS A 149 21.73 -2.80 -20.85
N PHE A 150 20.77 -1.87 -20.96
CA PHE A 150 20.97 -0.44 -20.77
C PHE A 150 20.40 0.01 -19.43
N VAL A 151 21.10 0.90 -18.68
CA VAL A 151 20.58 1.47 -17.43
C VAL A 151 20.38 2.96 -17.59
N HIS A 152 19.12 3.42 -17.56
CA HIS A 152 18.68 4.80 -17.74
C HIS A 152 19.32 5.85 -16.79
N ARG A 153 19.29 5.60 -15.45
CA ARG A 153 19.86 6.40 -14.34
C ARG A 153 19.15 7.71 -14.01
N ASP A 154 18.12 8.07 -14.75
CA ASP A 154 17.38 9.30 -14.49
C ASP A 154 15.97 9.16 -14.99
N LEU A 155 15.35 8.02 -14.72
CA LEU A 155 13.97 7.80 -15.11
C LEU A 155 13.00 8.67 -14.27
N ALA A 156 12.54 9.78 -14.86
CA ALA A 156 11.59 10.68 -14.19
C ALA A 156 10.53 11.15 -15.19
N ALA A 157 9.37 11.67 -14.72
CA ALA A 157 8.35 12.13 -15.66
C ALA A 157 8.81 13.30 -16.52
N ARG A 158 9.80 14.10 -16.05
CA ARG A 158 10.32 15.22 -16.87
C ARG A 158 11.28 14.75 -18.01
N ASN A 159 11.61 13.44 -18.06
CA ASN A 159 12.49 12.85 -19.08
C ASN A 159 11.73 11.91 -20.05
N CYS A 160 10.43 12.07 -20.11
CA CYS A 160 9.54 11.35 -20.97
C CYS A 160 8.86 12.41 -21.83
N MET A 161 8.67 12.08 -23.10
CA MET A 161 8.00 12.99 -24.02
C MET A 161 6.66 12.39 -24.50
N LEU A 162 5.77 13.23 -25.01
CA LEU A 162 4.46 12.81 -25.48
C LEU A 162 4.23 13.42 -26.86
N ASP A 163 3.75 12.65 -27.86
CA ASP A 163 3.49 13.24 -29.19
C ASP A 163 1.97 13.64 -29.33
N GLU A 164 1.50 13.92 -30.56
CA GLU A 164 0.13 14.30 -30.83
C GLU A 164 -0.82 13.09 -30.81
N LYS A 165 -0.32 11.86 -31.04
CA LYS A 165 -1.16 10.65 -30.92
C LYS A 165 -1.13 10.11 -29.47
N PHE A 166 -0.63 10.91 -28.50
CA PHE A 166 -0.51 10.60 -27.08
C PHE A 166 0.31 9.34 -26.76
N THR A 167 1.36 9.10 -27.55
CA THR A 167 2.28 7.97 -27.34
C THR A 167 3.47 8.46 -26.50
N VAL A 168 3.81 7.77 -25.41
CA VAL A 168 4.91 8.22 -24.54
C VAL A 168 6.23 7.60 -24.94
N LYS A 169 7.31 8.39 -24.94
CA LYS A 169 8.62 7.87 -25.29
C LYS A 169 9.66 8.19 -24.20
N VAL A 170 10.49 7.22 -23.84
CA VAL A 170 11.53 7.42 -22.83
C VAL A 170 12.75 8.09 -23.48
N ALA A 171 13.04 9.35 -23.11
CA ALA A 171 14.19 10.06 -23.67
C ALA A 171 15.45 9.94 -22.79
N ASP A 172 16.63 10.01 -23.38
CA ASP A 172 17.91 10.01 -22.67
C ASP A 172 18.70 11.32 -22.99
N PHE A 173 19.15 12.03 -21.95
CA PHE A 173 19.90 13.26 -22.17
C PHE A 173 21.37 13.12 -21.80
N GLY A 174 21.94 11.94 -21.98
CA GLY A 174 23.36 11.71 -21.77
C GLY A 174 23.78 10.86 -20.59
N LEU A 175 22.81 10.34 -19.80
CA LEU A 175 23.16 9.57 -18.61
C LEU A 175 23.01 8.04 -18.72
N ALA A 176 22.23 7.55 -19.69
CA ALA A 176 22.04 6.11 -19.84
C ALA A 176 23.31 5.45 -20.32
N ARG A 177 23.61 4.27 -19.77
CA ARG A 177 24.83 3.55 -20.13
C ARG A 177 24.54 2.12 -20.51
N ASP A 178 25.30 1.60 -21.46
CA ASP A 178 25.24 0.21 -21.81
C ASP A 178 26.07 -0.49 -20.74
N MET A 179 25.52 -1.55 -20.17
CA MET A 179 26.22 -2.33 -19.15
C MET A 179 27.00 -3.51 -19.77
N TYR A 180 26.78 -3.80 -21.08
CA TYR A 180 27.43 -4.85 -21.86
C TYR A 180 27.23 -6.25 -21.21
N ASP A 181 28.29 -6.90 -20.73
CA ASP A 181 28.27 -8.23 -20.12
C ASP A 181 27.98 -8.16 -18.62
N LYS A 182 28.34 -7.04 -17.97
CA LYS A 182 28.13 -6.80 -16.53
C LYS A 182 26.64 -6.65 -16.17
N GLU A 183 26.33 -6.68 -14.88
CA GLU A 183 24.95 -6.54 -14.43
C GLU A 183 24.71 -5.25 -13.64
N TYR A 184 25.69 -4.31 -13.67
CA TYR A 184 25.68 -3.03 -12.98
C TYR A 184 26.61 -2.03 -13.71
N TYR A 185 26.46 -0.72 -13.43
CA TYR A 185 27.31 0.30 -14.04
C TYR A 185 28.11 1.03 -12.93
N PRO A 196 19.73 13.50 -8.90
CA PRO A 196 18.26 13.49 -8.83
C PRO A 196 17.85 12.43 -7.81
N VAL A 197 18.36 12.64 -6.61
CA VAL A 197 18.32 11.88 -5.37
C VAL A 197 16.93 11.34 -4.96
N LYS A 198 15.84 12.12 -5.20
CA LYS A 198 14.48 11.72 -4.83
C LYS A 198 13.95 10.56 -5.66
N TRP A 199 14.50 10.35 -6.86
CA TRP A 199 14.13 9.24 -7.74
C TRP A 199 15.12 8.07 -7.60
N MET A 200 16.24 8.24 -6.88
CA MET A 200 17.27 7.24 -6.72
C MET A 200 16.98 6.19 -5.70
N ALA A 201 17.39 4.95 -6.02
CA ALA A 201 17.23 3.80 -5.14
C ALA A 201 18.19 3.92 -3.97
N LEU A 202 17.79 3.40 -2.81
CA LEU A 202 18.58 3.41 -1.56
C LEU A 202 20.02 2.88 -1.74
N GLU A 203 20.18 1.73 -2.44
CA GLU A 203 21.51 1.15 -2.67
C GLU A 203 22.39 1.97 -3.66
N SER A 204 21.76 2.88 -4.44
CA SER A 204 22.52 3.74 -5.34
C SER A 204 22.99 5.00 -4.61
N LEU A 205 22.19 5.52 -3.68
CA LEU A 205 22.54 6.67 -2.84
C LEU A 205 23.73 6.30 -1.94
N GLN A 206 23.75 5.07 -1.43
CA GLN A 206 24.80 4.61 -0.57
C GLN A 206 26.08 4.15 -1.27
N THR A 207 26.00 3.66 -2.52
CA THR A 207 27.16 3.07 -3.22
C THR A 207 27.58 3.66 -4.58
N GLN A 208 26.73 4.50 -5.22
CA GLN A 208 26.93 5.09 -6.56
C GLN A 208 26.95 4.04 -7.69
N LYS A 209 26.31 2.89 -7.46
CA LYS A 209 26.22 1.84 -8.46
C LYS A 209 24.77 1.74 -8.95
N PHE A 210 24.58 1.60 -10.26
CA PHE A 210 23.24 1.52 -10.83
C PHE A 210 22.99 0.21 -11.60
N THR A 211 21.87 -0.44 -11.34
CA THR A 211 21.44 -1.68 -12.00
C THR A 211 20.02 -1.42 -12.55
N THR A 212 19.46 -2.35 -13.35
CA THR A 212 18.08 -2.22 -13.84
C THR A 212 17.09 -2.12 -12.66
N LYS A 213 17.38 -2.80 -11.51
CA LYS A 213 16.51 -2.75 -10.33
C LYS A 213 16.46 -1.36 -9.67
N SER A 214 17.52 -0.55 -9.85
CA SER A 214 17.50 0.83 -9.37
C SER A 214 16.60 1.67 -10.31
N ASP A 215 16.46 1.28 -11.58
CA ASP A 215 15.56 1.95 -12.52
C ASP A 215 14.12 1.63 -12.12
N VAL A 216 13.86 0.36 -11.67
CA VAL A 216 12.57 -0.12 -11.18
C VAL A 216 12.13 0.72 -9.97
N TRP A 217 13.06 1.09 -9.09
CA TRP A 217 12.75 1.96 -7.96
C TRP A 217 12.25 3.34 -8.49
N SER A 218 12.97 3.90 -9.47
CA SER A 218 12.65 5.20 -10.06
C SER A 218 11.32 5.17 -10.81
N PHE A 219 10.99 4.01 -11.39
CA PHE A 219 9.73 3.80 -12.09
C PHE A 219 8.58 3.96 -11.07
N GLY A 220 8.76 3.44 -9.86
CA GLY A 220 7.78 3.62 -8.79
C GLY A 220 7.52 5.09 -8.47
N VAL A 221 8.58 5.94 -8.46
CA VAL A 221 8.43 7.38 -8.21
C VAL A 221 7.74 8.02 -9.40
N LEU A 222 8.09 7.60 -10.66
CA LEU A 222 7.42 8.07 -11.86
C LEU A 222 5.92 7.80 -11.78
N LEU A 223 5.52 6.55 -11.41
CA LEU A 223 4.12 6.17 -11.17
C LEU A 223 3.47 7.08 -10.13
N TRP A 224 4.20 7.45 -9.08
CA TRP A 224 3.67 8.33 -8.05
C TRP A 224 3.40 9.73 -8.62
N GLU A 225 4.34 10.24 -9.46
CA GLU A 225 4.25 11.53 -10.12
C GLU A 225 3.01 11.55 -11.00
N LEU A 226 2.76 10.46 -11.74
CA LEU A 226 1.64 10.28 -12.64
C LEU A 226 0.31 10.38 -11.88
N MET A 227 0.12 9.60 -10.77
CA MET A 227 -1.12 9.62 -9.95
C MET A 227 -1.34 10.93 -9.18
N THR A 228 -0.29 11.75 -9.05
CA THR A 228 -0.43 13.06 -8.42
C THR A 228 -0.45 14.20 -9.46
N ARG A 229 -0.42 13.87 -10.76
CA ARG A 229 -0.39 14.77 -11.88
C ARG A 229 0.73 15.81 -11.77
N GLY A 230 1.93 15.34 -11.45
CA GLY A 230 3.13 16.16 -11.42
C GLY A 230 3.52 16.82 -10.11
N ALA A 231 3.03 16.29 -8.98
CA ALA A 231 3.39 16.81 -7.66
C ALA A 231 4.84 16.42 -7.30
N PRO A 232 5.52 17.28 -6.52
CA PRO A 232 6.92 16.98 -6.16
C PRO A 232 7.05 15.98 -5.03
N PRO A 233 7.88 14.93 -5.23
CA PRO A 233 8.04 13.93 -4.17
C PRO A 233 8.80 14.46 -2.97
N TYR A 234 8.47 13.97 -1.76
CA TYR A 234 9.06 14.36 -0.46
C TYR A 234 9.21 15.90 -0.36
N PRO A 235 8.12 16.67 -0.51
CA PRO A 235 8.26 18.14 -0.60
C PRO A 235 8.86 18.83 0.61
N ASP A 236 8.75 18.21 1.81
CA ASP A 236 9.29 18.82 3.01
C ASP A 236 10.62 18.22 3.47
N VAL A 237 11.35 17.55 2.55
CA VAL A 237 12.61 16.88 2.88
C VAL A 237 13.75 17.48 2.06
N ASN A 238 14.94 17.68 2.66
CA ASN A 238 16.09 18.18 1.90
C ASN A 238 16.84 16.98 1.31
N THR A 239 17.34 17.15 0.07
CA THR A 239 18.04 16.14 -0.72
C THR A 239 19.25 15.48 -0.03
N PHE A 240 19.83 16.13 0.99
CA PHE A 240 20.97 15.53 1.71
C PHE A 240 20.51 14.39 2.63
N ASP A 241 19.44 14.65 3.41
CA ASP A 241 18.93 13.70 4.38
C ASP A 241 17.93 12.71 3.79
N ILE A 242 17.99 12.44 2.48
CA ILE A 242 17.06 11.50 1.87
C ILE A 242 17.31 10.09 2.36
N THR A 243 18.59 9.70 2.46
CA THR A 243 18.97 8.37 2.94
C THR A 243 18.49 8.19 4.39
N VAL A 244 18.66 9.23 5.21
CA VAL A 244 18.22 9.22 6.60
C VAL A 244 16.69 9.08 6.68
N TYR A 245 15.96 9.91 5.89
CA TYR A 245 14.49 9.89 5.82
C TYR A 245 13.96 8.49 5.49
N LEU A 246 14.57 7.83 4.46
CA LEU A 246 14.20 6.49 4.02
C LEU A 246 14.56 5.43 5.04
N LEU A 247 15.82 5.41 5.54
CA LEU A 247 16.24 4.42 6.56
C LEU A 247 15.41 4.49 7.84
N GLN A 248 14.64 5.58 8.04
CA GLN A 248 13.74 5.70 9.19
C GLN A 248 12.52 4.76 9.08
N GLY A 249 12.30 4.15 7.91
CA GLY A 249 11.20 3.24 7.63
C GLY A 249 10.09 3.96 6.89
N ARG A 250 10.46 4.79 5.91
CA ARG A 250 9.48 5.59 5.18
C ARG A 250 9.53 5.35 3.67
N ARG A 251 8.38 5.64 3.00
CA ARG A 251 8.09 5.62 1.56
C ARG A 251 7.06 6.70 1.28
N LEU A 252 6.93 7.13 0.01
CA LEU A 252 5.92 8.10 -0.46
C LEU A 252 4.48 7.63 -0.08
N LEU A 253 3.62 8.56 0.30
CA LEU A 253 2.23 8.24 0.68
C LEU A 253 1.37 7.90 -0.55
N GLN A 254 0.32 7.08 -0.36
CA GLN A 254 -0.57 6.72 -1.46
C GLN A 254 -1.36 7.94 -1.85
N PRO A 255 -1.32 8.37 -3.11
CA PRO A 255 -2.13 9.53 -3.53
C PRO A 255 -3.64 9.28 -3.53
N GLU A 256 -4.44 10.36 -3.47
CA GLU A 256 -5.91 10.39 -3.54
C GLU A 256 -6.53 9.46 -4.62
N TYR A 257 -6.10 9.56 -5.89
CA TYR A 257 -6.69 8.76 -6.96
C TYR A 257 -5.87 7.55 -7.44
N CYS A 258 -4.89 7.11 -6.65
CA CYS A 258 -4.10 5.94 -6.99
C CYS A 258 -4.84 4.71 -6.52
N PRO A 259 -5.28 3.81 -7.42
CA PRO A 259 -5.99 2.60 -6.95
C PRO A 259 -5.11 1.74 -6.03
N ASP A 260 -5.71 1.07 -5.04
CA ASP A 260 -4.94 0.24 -4.10
C ASP A 260 -3.99 -0.75 -4.80
N PRO A 261 -4.45 -1.55 -5.81
CA PRO A 261 -3.50 -2.43 -6.52
C PRO A 261 -2.31 -1.72 -7.18
N LEU A 262 -2.46 -0.44 -7.63
CA LEU A 262 -1.31 0.28 -8.20
C LEU A 262 -0.31 0.72 -7.12
N TYR A 263 -0.80 1.09 -5.90
CA TYR A 263 0.06 1.47 -4.78
C TYR A 263 0.89 0.28 -4.26
N GLU A 264 0.32 -0.92 -4.27
CA GLU A 264 1.06 -2.13 -3.87
C GLU A 264 2.19 -2.45 -4.87
N VAL A 265 1.97 -2.08 -6.15
CA VAL A 265 2.97 -2.20 -7.21
C VAL A 265 4.11 -1.20 -6.89
N MET A 266 3.81 0.08 -6.59
CA MET A 266 4.84 1.08 -6.23
C MET A 266 5.64 0.58 -5.02
N LEU A 267 4.97 -0.01 -4.02
CA LEU A 267 5.66 -0.55 -2.85
C LEU A 267 6.59 -1.72 -3.19
N LYS A 268 6.21 -2.56 -4.16
CA LYS A 268 7.02 -3.67 -4.67
C LYS A 268 8.28 -3.10 -5.36
N CYS A 269 8.12 -1.99 -6.09
CA CYS A 269 9.21 -1.28 -6.76
C CYS A 269 10.20 -0.75 -5.73
N TRP A 270 9.71 -0.33 -4.56
CA TRP A 270 10.58 0.21 -3.50
C TRP A 270 11.02 -0.78 -2.46
N HIS A 271 10.97 -2.10 -2.76
CA HIS A 271 11.38 -3.18 -1.86
C HIS A 271 12.83 -2.93 -1.41
N PRO A 272 13.12 -3.02 -0.10
CA PRO A 272 14.51 -2.78 0.37
C PRO A 272 15.59 -3.60 -0.36
N LYS A 273 15.32 -4.85 -0.74
CA LYS A 273 16.26 -5.68 -1.49
C LYS A 273 16.00 -5.54 -2.98
N ALA A 274 17.02 -5.09 -3.74
CA ALA A 274 16.91 -4.88 -5.19
C ALA A 274 16.51 -6.12 -5.97
N GLU A 275 17.14 -7.27 -5.66
CA GLU A 275 16.88 -8.54 -6.32
C GLU A 275 15.42 -9.03 -6.15
N MET A 276 14.69 -8.48 -5.16
CA MET A 276 13.29 -8.82 -4.89
C MET A 276 12.30 -7.90 -5.62
N ARG A 277 12.76 -6.80 -6.24
CA ARG A 277 11.88 -5.92 -6.98
C ARG A 277 11.39 -6.61 -8.26
N PRO A 278 10.13 -6.36 -8.69
CA PRO A 278 9.67 -6.95 -9.95
C PRO A 278 10.46 -6.45 -11.14
N SER A 279 10.51 -7.25 -12.20
CA SER A 279 11.19 -6.82 -13.42
C SER A 279 10.21 -5.93 -14.26
N PHE A 280 10.74 -5.26 -15.30
CA PHE A 280 9.87 -4.49 -16.16
C PHE A 280 8.88 -5.39 -16.97
N SER A 281 9.14 -6.72 -17.06
CA SER A 281 8.18 -7.66 -17.69
C SER A 281 7.00 -7.87 -16.75
N GLU A 282 7.30 -8.11 -15.45
CA GLU A 282 6.27 -8.29 -14.43
C GLU A 282 5.47 -6.99 -14.29
N LEU A 283 6.14 -5.84 -14.31
CA LEU A 283 5.45 -4.55 -14.21
C LEU A 283 4.49 -4.33 -15.39
N VAL A 284 4.92 -4.65 -16.64
CA VAL A 284 4.06 -4.54 -17.84
C VAL A 284 2.87 -5.51 -17.68
N SER A 285 3.14 -6.74 -17.23
CA SER A 285 2.06 -7.71 -16.99
C SER A 285 1.05 -7.14 -15.92
N ARG A 286 1.52 -6.90 -14.69
CA ARG A 286 0.71 -6.36 -13.58
C ARG A 286 -0.04 -5.06 -13.89
N ILE A 287 0.57 -4.11 -14.61
CA ILE A 287 -0.08 -2.83 -14.92
C ILE A 287 -1.12 -2.96 -16.01
N SER A 288 -0.93 -3.90 -16.96
CA SER A 288 -1.89 -4.19 -18.03
C SER A 288 -3.21 -4.62 -17.45
N ALA A 289 -3.18 -5.48 -16.42
CA ALA A 289 -4.38 -5.94 -15.73
C ALA A 289 -5.09 -4.79 -15.06
N ILE A 290 -4.37 -3.93 -14.31
CA ILE A 290 -5.02 -2.84 -13.60
C ILE A 290 -5.73 -1.87 -14.55
N PHE A 291 -5.05 -1.58 -15.67
CA PHE A 291 -5.47 -0.70 -16.73
C PHE A 291 -6.75 -1.26 -17.40
N SER A 292 -6.79 -2.58 -17.61
CA SER A 292 -7.95 -3.22 -18.23
C SER A 292 -9.25 -3.16 -17.39
N THR A 293 -9.13 -2.94 -16.06
CA THR A 293 -10.31 -2.86 -15.17
C THR A 293 -11.13 -1.55 -15.31
N PHE A 294 -10.50 -0.51 -15.88
CA PHE A 294 -11.13 0.78 -16.11
C PHE A 294 -11.77 0.84 -17.48
N ILE A 295 -12.95 1.45 -17.57
CA ILE A 295 -13.66 1.59 -18.85
C ILE A 295 -13.00 2.68 -19.70
N LEU B 8 -39.04 -26.20 17.40
CA LEU B 8 -38.34 -25.19 16.61
C LEU B 8 -39.22 -24.71 15.45
N ASN B 9 -39.43 -23.40 15.35
CA ASN B 9 -40.24 -22.77 14.31
C ASN B 9 -39.62 -23.05 12.97
N PRO B 10 -40.23 -23.90 12.11
CA PRO B 10 -39.59 -24.25 10.82
C PRO B 10 -39.30 -23.08 9.89
N GLU B 11 -39.75 -21.86 10.23
CA GLU B 11 -39.40 -20.66 9.48
C GLU B 11 -37.92 -20.37 9.79
N LEU B 12 -37.55 -20.38 11.08
CA LEU B 12 -36.20 -20.20 11.64
C LEU B 12 -35.25 -21.30 11.11
N VAL B 13 -35.71 -22.56 11.11
CA VAL B 13 -34.92 -23.69 10.65
C VAL B 13 -34.62 -23.50 9.16
N GLN B 14 -35.64 -23.17 8.38
CA GLN B 14 -35.45 -22.87 6.95
C GLN B 14 -35.12 -21.38 6.81
N ALA B 15 -34.03 -20.94 7.47
CA ALA B 15 -33.47 -19.58 7.48
C ALA B 15 -31.99 -19.66 7.82
N VAL B 16 -31.59 -20.61 8.68
CA VAL B 16 -30.20 -20.87 8.99
C VAL B 16 -29.57 -21.88 7.97
N GLN B 17 -30.38 -22.42 7.03
CA GLN B 17 -29.93 -23.37 6.01
C GLN B 17 -28.76 -22.85 5.20
N HIS B 18 -28.70 -21.53 4.97
CA HIS B 18 -27.59 -20.93 4.22
C HIS B 18 -26.24 -21.02 4.95
N VAL B 19 -26.25 -21.32 6.27
CA VAL B 19 -25.08 -21.48 7.14
C VAL B 19 -25.19 -22.78 7.97
N VAL B 20 -26.02 -23.75 7.57
CA VAL B 20 -26.24 -24.95 8.37
C VAL B 20 -25.20 -26.07 8.15
N ILE B 21 -24.86 -26.77 9.23
CA ILE B 21 -23.92 -27.88 9.29
C ILE B 21 -24.71 -29.16 9.52
N GLY B 22 -24.50 -30.16 8.67
CA GLY B 22 -25.15 -31.46 8.78
C GLY B 22 -24.90 -32.13 10.10
N PRO B 23 -25.94 -32.77 10.67
CA PRO B 23 -25.80 -33.38 11.98
C PRO B 23 -24.69 -34.42 12.14
N SER B 24 -24.40 -35.17 11.05
CA SER B 24 -23.35 -36.20 11.07
C SER B 24 -21.94 -35.63 10.82
N SER B 25 -21.82 -34.31 10.56
CA SER B 25 -20.57 -33.64 10.20
C SER B 25 -19.84 -33.01 11.36
N LEU B 26 -20.33 -33.13 12.60
CA LEU B 26 -19.67 -32.47 13.75
C LEU B 26 -19.30 -33.45 14.88
N ILE B 27 -18.06 -33.42 15.34
CA ILE B 27 -17.61 -34.25 16.46
C ILE B 27 -17.26 -33.30 17.60
N VAL B 28 -18.11 -33.20 18.62
CA VAL B 28 -17.89 -32.30 19.75
C VAL B 28 -17.34 -33.04 20.98
N HIS B 29 -16.30 -32.46 21.59
CA HIS B 29 -15.71 -33.00 22.81
C HIS B 29 -16.23 -32.19 24.03
N PHE B 30 -17.42 -32.55 24.54
CA PHE B 30 -18.05 -31.90 25.70
C PHE B 30 -17.24 -32.00 27.01
N ASN B 31 -16.23 -32.86 27.02
CA ASN B 31 -15.31 -33.00 28.13
C ASN B 31 -14.07 -32.10 27.99
N GLU B 32 -13.96 -31.31 26.89
CA GLU B 32 -12.80 -30.49 26.59
C GLU B 32 -13.13 -29.01 26.34
N VAL B 33 -12.98 -28.13 27.34
CA VAL B 33 -13.21 -26.70 27.11
C VAL B 33 -11.99 -26.05 26.50
N ILE B 34 -12.23 -24.99 25.73
CA ILE B 34 -11.22 -24.17 25.10
C ILE B 34 -10.94 -22.97 26.03
N GLY B 35 -9.65 -22.69 26.24
CA GLY B 35 -9.21 -21.56 27.06
C GLY B 35 -9.44 -21.63 28.55
N ARG B 36 -9.52 -22.83 29.13
CA ARG B 36 -9.64 -23.04 30.58
C ARG B 36 -10.77 -22.26 31.24
N GLY B 37 -11.87 -22.10 30.52
CA GLY B 37 -13.03 -21.40 31.04
C GLY B 37 -13.04 -19.91 30.81
N HIS B 38 -11.90 -19.34 30.35
CA HIS B 38 -11.76 -17.89 30.09
C HIS B 38 -12.80 -17.34 29.14
N PHE B 39 -13.47 -18.21 28.35
CA PHE B 39 -14.49 -17.81 27.38
C PHE B 39 -15.89 -18.42 27.69
N GLY B 40 -16.06 -19.04 28.84
CA GLY B 40 -17.30 -19.69 29.20
C GLY B 40 -17.31 -21.14 28.72
N CYS B 41 -18.50 -21.66 28.42
CA CYS B 41 -18.64 -23.04 27.96
C CYS B 41 -18.44 -23.20 26.46
N VAL B 42 -17.19 -23.11 26.03
CA VAL B 42 -16.80 -23.28 24.62
C VAL B 42 -15.94 -24.56 24.53
N TYR B 43 -16.30 -25.48 23.65
CA TYR B 43 -15.63 -26.77 23.56
C TYR B 43 -14.87 -27.02 22.28
N HIS B 44 -13.85 -27.87 22.37
CA HIS B 44 -13.09 -28.32 21.20
C HIS B 44 -13.99 -29.20 20.35
N GLY B 45 -13.89 -29.05 19.04
CA GLY B 45 -14.68 -29.82 18.11
C GLY B 45 -13.94 -30.19 16.84
N THR B 46 -14.65 -30.86 15.92
CA THR B 46 -14.13 -31.28 14.63
C THR B 46 -15.21 -31.24 13.57
N LEU B 47 -15.05 -30.35 12.59
CA LEU B 47 -15.98 -30.21 11.50
C LEU B 47 -15.47 -30.98 10.26
N LEU B 48 -16.39 -31.62 9.55
CA LEU B 48 -16.08 -32.37 8.34
C LEU B 48 -16.67 -31.62 7.11
N ASP B 49 -15.87 -31.50 6.02
CA ASP B 49 -16.32 -30.85 4.77
C ASP B 49 -16.87 -31.86 3.74
N LYS B 53 -12.23 -33.07 4.56
CA LYS B 53 -11.15 -32.63 5.45
C LYS B 53 -11.65 -32.45 6.89
N LYS B 54 -10.73 -32.64 7.87
CA LYS B 54 -11.01 -32.53 9.30
C LYS B 54 -10.51 -31.18 9.79
N ILE B 55 -11.44 -30.29 10.13
CA ILE B 55 -11.08 -28.97 10.60
C ILE B 55 -11.32 -28.86 12.10
N HIS B 56 -10.34 -28.32 12.86
CA HIS B 56 -10.46 -28.11 14.30
C HIS B 56 -11.35 -26.88 14.54
N CYS B 57 -12.38 -27.00 15.39
CA CYS B 57 -13.30 -25.89 15.64
C CYS B 57 -13.62 -25.67 17.14
N ALA B 58 -14.40 -24.59 17.46
CA ALA B 58 -14.84 -24.14 18.78
C ALA B 58 -16.39 -24.12 18.82
N VAL B 59 -16.97 -24.80 19.83
CA VAL B 59 -18.42 -25.02 19.90
C VAL B 59 -19.12 -24.49 21.18
N LYS B 60 -20.27 -23.82 21.00
CA LYS B 60 -21.14 -23.32 22.06
C LYS B 60 -22.56 -23.85 21.84
N SER B 61 -23.35 -24.09 22.91
CA SER B 61 -24.71 -24.61 22.77
C SER B 61 -25.81 -23.53 22.78
N GLU B 70 -28.29 -12.26 23.45
CA GLU B 70 -27.09 -11.85 24.20
C GLU B 70 -25.77 -12.14 23.46
N VAL B 71 -25.81 -13.04 22.45
CA VAL B 71 -24.63 -13.44 21.68
C VAL B 71 -24.02 -12.26 20.88
N SER B 72 -22.74 -12.39 20.53
CA SER B 72 -21.95 -11.44 19.74
C SER B 72 -22.70 -11.06 18.45
N GLN B 73 -22.85 -9.74 18.16
CA GLN B 73 -23.54 -9.27 16.95
C GLN B 73 -22.85 -9.72 15.66
N PHE B 74 -21.57 -10.10 15.74
CA PHE B 74 -20.81 -10.62 14.62
C PHE B 74 -21.45 -11.96 14.18
N LEU B 75 -21.89 -12.76 15.16
CA LEU B 75 -22.52 -14.07 14.96
C LEU B 75 -23.94 -13.92 14.48
N THR B 76 -24.67 -12.93 15.00
CA THR B 76 -26.06 -12.65 14.64
C THR B 76 -26.17 -12.15 13.22
N GLU B 77 -25.23 -11.31 12.79
CA GLU B 77 -25.21 -10.83 11.41
C GLU B 77 -24.78 -11.94 10.44
N GLY B 78 -23.95 -12.87 10.91
CA GLY B 78 -23.51 -14.01 10.13
C GLY B 78 -24.65 -14.93 9.74
N ILE B 79 -25.75 -14.93 10.51
CA ILE B 79 -26.93 -15.75 10.24
C ILE B 79 -28.00 -14.97 9.43
N ILE B 80 -28.11 -13.64 9.65
CA ILE B 80 -29.14 -12.80 9.03
C ILE B 80 -28.73 -12.34 7.62
N MET B 81 -27.47 -11.93 7.43
CA MET B 81 -26.96 -11.50 6.13
C MET B 81 -26.11 -12.63 5.54
N LYS B 82 -26.26 -12.91 4.23
CA LYS B 82 -25.48 -13.99 3.60
C LYS B 82 -24.14 -13.52 3.04
N ASP B 83 -23.50 -12.53 3.70
CA ASP B 83 -22.24 -11.94 3.25
C ASP B 83 -21.41 -11.32 4.40
N PHE B 84 -21.45 -11.89 5.63
CA PHE B 84 -20.66 -11.31 6.72
C PHE B 84 -19.44 -12.17 7.14
N SER B 85 -18.32 -12.03 6.42
CA SER B 85 -17.09 -12.74 6.76
C SER B 85 -15.85 -11.92 6.33
N HIS B 86 -14.64 -12.25 6.84
CA HIS B 86 -13.39 -11.56 6.47
C HIS B 86 -12.22 -12.33 7.12
N PRO B 87 -11.08 -12.50 6.42
CA PRO B 87 -9.96 -13.27 7.02
C PRO B 87 -9.43 -12.74 8.35
N ASN B 88 -9.65 -11.45 8.62
CA ASN B 88 -9.18 -10.80 9.84
C ASN B 88 -10.29 -10.49 10.86
N VAL B 89 -11.48 -11.09 10.70
CA VAL B 89 -12.60 -10.91 11.62
C VAL B 89 -13.06 -12.31 12.10
N LEU B 90 -13.19 -12.53 13.43
CA LEU B 90 -13.65 -13.84 13.94
C LEU B 90 -15.15 -13.95 13.69
N SER B 91 -15.50 -14.79 12.71
CA SER B 91 -16.86 -14.98 12.19
C SER B 91 -17.35 -16.42 12.39
N LEU B 92 -18.63 -16.65 12.15
CA LEU B 92 -19.29 -17.94 12.24
C LEU B 92 -18.86 -18.95 11.17
N LEU B 93 -18.71 -20.24 11.53
CA LEU B 93 -18.49 -21.29 10.54
C LEU B 93 -19.89 -21.82 10.14
N GLY B 94 -20.70 -22.13 11.13
CA GLY B 94 -22.06 -22.59 10.87
C GLY B 94 -22.85 -22.95 12.10
N ILE B 95 -24.10 -23.38 11.89
CA ILE B 95 -25.00 -23.81 12.96
C ILE B 95 -25.28 -25.31 12.78
N CYS B 96 -25.09 -26.13 13.83
CA CYS B 96 -25.41 -27.55 13.74
C CYS B 96 -26.71 -27.86 14.47
N SER B 102 -29.94 -29.62 21.73
CA SER B 102 -29.60 -28.19 21.76
C SER B 102 -28.76 -27.78 20.54
N PRO B 103 -29.18 -26.75 19.77
CA PRO B 103 -28.40 -26.36 18.58
C PRO B 103 -26.99 -25.86 18.88
N LEU B 104 -26.06 -26.07 17.94
CA LEU B 104 -24.66 -25.65 18.13
C LEU B 104 -24.21 -24.51 17.22
N VAL B 105 -23.37 -23.63 17.74
CA VAL B 105 -22.80 -22.54 16.96
C VAL B 105 -21.32 -22.87 16.87
N VAL B 106 -20.80 -23.12 15.66
CA VAL B 106 -19.40 -23.49 15.55
C VAL B 106 -18.62 -22.35 14.93
N LEU B 107 -17.50 -22.02 15.55
CA LEU B 107 -16.59 -20.95 15.13
C LEU B 107 -15.20 -21.58 14.86
N PRO B 108 -14.34 -20.92 14.05
CA PRO B 108 -13.01 -21.47 13.81
C PRO B 108 -12.14 -21.51 15.08
N TYR B 109 -11.22 -22.48 15.15
CA TYR B 109 -10.33 -22.63 16.29
C TYR B 109 -9.04 -21.81 16.15
N MET B 110 -8.73 -20.98 17.17
CA MET B 110 -7.54 -20.12 17.16
C MET B 110 -6.52 -20.67 18.14
N LYS B 111 -5.37 -21.18 17.62
CA LYS B 111 -4.30 -21.76 18.42
C LYS B 111 -3.77 -20.84 19.51
N HIS B 112 -3.85 -19.51 19.30
CA HIS B 112 -3.38 -18.50 20.25
C HIS B 112 -4.51 -17.55 20.64
N GLY B 113 -5.22 -17.92 21.72
CA GLY B 113 -6.40 -17.29 22.32
C GLY B 113 -6.46 -15.78 22.47
N ASP B 114 -5.29 -15.11 22.58
CA ASP B 114 -5.27 -13.65 22.62
C ASP B 114 -3.88 -13.11 22.33
N LEU B 115 -3.86 -12.12 21.44
CA LEU B 115 -2.70 -11.43 20.94
C LEU B 115 -1.85 -10.84 22.06
N ARG B 116 -2.49 -10.26 23.09
CA ARG B 116 -1.77 -9.70 24.22
C ARG B 116 -0.92 -10.74 24.98
N ASN B 117 -1.43 -11.98 25.17
CA ASN B 117 -0.65 -13.02 25.85
C ASN B 117 0.44 -13.59 25.00
N PHE B 118 0.21 -13.68 23.68
CA PHE B 118 1.19 -14.16 22.72
C PHE B 118 2.39 -13.20 22.68
N ILE B 119 2.16 -11.88 22.48
CA ILE B 119 3.27 -10.92 22.47
C ILE B 119 3.97 -10.76 23.84
N ARG B 120 3.30 -11.10 24.95
CA ARG B 120 3.94 -11.07 26.26
C ARG B 120 4.75 -12.35 26.56
N ASN B 121 4.30 -13.51 26.05
CA ASN B 121 4.96 -14.79 26.28
C ASN B 121 6.42 -14.74 25.84
N GLU B 122 7.31 -14.84 26.82
CA GLU B 122 8.76 -14.78 26.69
C GLU B 122 9.36 -15.88 25.82
N THR B 123 8.69 -17.02 25.67
CA THR B 123 9.24 -18.11 24.85
C THR B 123 9.26 -17.75 23.34
N HIS B 124 8.48 -16.73 22.91
CA HIS B 124 8.43 -16.32 21.51
C HIS B 124 9.35 -15.13 21.20
N ASN B 125 9.69 -14.93 19.92
CA ASN B 125 10.54 -13.81 19.53
C ASN B 125 10.03 -13.12 18.25
N PRO B 126 8.79 -12.54 18.25
CA PRO B 126 8.34 -11.85 17.03
C PRO B 126 9.25 -10.64 16.76
N THR B 127 9.62 -10.45 15.50
CA THR B 127 10.50 -9.34 15.10
C THR B 127 9.69 -8.02 15.06
N VAL B 128 10.35 -6.87 14.82
CA VAL B 128 9.61 -5.60 14.70
C VAL B 128 8.65 -5.67 13.50
N LYS B 129 9.05 -6.35 12.39
CA LYS B 129 8.20 -6.52 11.20
C LYS B 129 6.93 -7.37 11.45
N ASP B 130 7.04 -8.50 12.17
CA ASP B 130 5.86 -9.33 12.46
C ASP B 130 4.85 -8.54 13.32
N LEU B 131 5.35 -7.80 14.32
CA LEU B 131 4.50 -7.00 15.20
C LEU B 131 3.73 -5.96 14.40
N ILE B 132 4.40 -5.31 13.42
CA ILE B 132 3.70 -4.36 12.55
C ILE B 132 2.74 -5.08 11.61
N GLY B 133 3.05 -6.32 11.23
CA GLY B 133 2.18 -7.14 10.40
C GLY B 133 0.87 -7.44 11.12
N PHE B 134 0.93 -7.68 12.45
CA PHE B 134 -0.26 -7.97 13.28
C PHE B 134 -1.19 -6.75 13.27
N GLY B 135 -0.60 -5.56 13.45
CA GLY B 135 -1.30 -4.27 13.45
C GLY B 135 -1.96 -3.99 12.11
N LEU B 136 -1.25 -4.36 11.02
CA LEU B 136 -1.75 -4.23 9.65
C LEU B 136 -2.95 -5.14 9.45
N GLN B 137 -2.86 -6.39 9.90
CA GLN B 137 -3.99 -7.32 9.79
C GLN B 137 -5.21 -6.80 10.58
N VAL B 138 -5.02 -6.31 11.87
CA VAL B 138 -6.10 -5.75 12.69
C VAL B 138 -6.76 -4.58 11.94
N ALA B 139 -5.95 -3.68 11.34
CA ALA B 139 -6.46 -2.57 10.54
C ALA B 139 -7.27 -3.07 9.35
N LYS B 140 -6.83 -4.19 8.69
CA LYS B 140 -7.56 -4.78 7.58
C LYS B 140 -8.96 -5.24 8.04
N GLY B 141 -9.01 -5.84 9.23
CA GLY B 141 -10.26 -6.28 9.85
C GLY B 141 -11.19 -5.14 10.21
N MET B 142 -10.65 -4.04 10.77
CA MET B 142 -11.45 -2.87 11.17
C MET B 142 -12.00 -2.07 9.98
N LYS B 143 -11.30 -2.13 8.84
CA LYS B 143 -11.69 -1.50 7.59
C LYS B 143 -13.01 -2.18 7.14
N TYR B 144 -13.03 -3.50 7.16
CA TYR B 144 -14.21 -4.27 6.82
C TYR B 144 -15.39 -3.96 7.80
N LEU B 145 -15.18 -4.07 9.12
CA LEU B 145 -16.21 -3.78 10.11
C LEU B 145 -16.79 -2.38 9.94
N ALA B 146 -15.91 -1.35 9.83
CA ALA B 146 -16.34 0.04 9.64
C ALA B 146 -17.19 0.21 8.40
N SER B 147 -16.93 -0.60 7.32
CA SER B 147 -17.66 -0.62 6.05
C SER B 147 -19.05 -1.26 6.16
N LYS B 148 -19.18 -2.20 7.08
CA LYS B 148 -20.42 -2.86 7.43
C LYS B 148 -21.23 -2.06 8.48
N LYS B 149 -20.72 -0.85 8.86
CA LYS B 149 -21.21 0.15 9.81
C LYS B 149 -21.27 -0.37 11.26
N PHE B 150 -20.24 -1.10 11.66
CA PHE B 150 -20.13 -1.63 13.01
C PHE B 150 -19.07 -0.88 13.77
N VAL B 151 -19.25 -0.77 15.10
CA VAL B 151 -18.27 -0.14 15.98
C VAL B 151 -17.89 -1.13 17.07
N HIS B 152 -16.60 -1.47 17.13
CA HIS B 152 -16.10 -2.46 18.07
C HIS B 152 -16.28 -2.13 19.55
N ARG B 153 -15.96 -0.89 19.97
CA ARG B 153 -16.06 -0.41 21.35
C ARG B 153 -15.05 -1.05 22.36
N ASP B 154 -14.34 -2.11 21.98
CA ASP B 154 -13.36 -2.71 22.89
C ASP B 154 -12.15 -3.25 22.14
N LEU B 155 -11.63 -2.44 21.22
CA LEU B 155 -10.46 -2.83 20.45
C LEU B 155 -9.24 -2.67 21.32
N ALA B 156 -8.55 -3.76 21.53
CA ALA B 156 -7.35 -3.89 22.37
C ALA B 156 -6.71 -5.21 22.02
N ALA B 157 -5.39 -5.33 22.22
CA ALA B 157 -4.63 -6.54 21.88
C ALA B 157 -5.19 -7.81 22.51
N ARG B 158 -5.93 -7.70 23.62
CA ARG B 158 -6.49 -8.87 24.30
C ARG B 158 -7.73 -9.43 23.56
N ASN B 159 -8.48 -8.57 22.84
CA ASN B 159 -9.66 -8.97 22.09
C ASN B 159 -9.35 -9.28 20.60
N CYS B 160 -8.12 -9.74 20.35
CA CYS B 160 -7.60 -10.15 19.06
C CYS B 160 -7.02 -11.55 19.25
N MET B 161 -7.23 -12.44 18.29
CA MET B 161 -6.68 -13.80 18.38
C MET B 161 -5.79 -14.09 17.17
N LEU B 162 -4.91 -15.10 17.25
CA LEU B 162 -4.10 -15.47 16.10
C LEU B 162 -4.10 -16.99 15.94
N ASP B 163 -4.29 -17.49 14.71
CA ASP B 163 -4.33 -18.94 14.50
C ASP B 163 -2.91 -19.57 14.39
N GLU B 164 -2.81 -20.87 14.09
CA GLU B 164 -1.54 -21.59 13.93
C GLU B 164 -0.71 -21.09 12.73
N LYS B 165 -1.36 -20.44 11.75
CA LYS B 165 -0.65 -19.85 10.60
C LYS B 165 -0.49 -18.32 10.76
N PHE B 166 -0.62 -17.80 11.99
CA PHE B 166 -0.43 -16.42 12.45
C PHE B 166 -1.33 -15.37 11.79
N THR B 167 -2.50 -15.78 11.31
CA THR B 167 -3.46 -14.85 10.76
C THR B 167 -4.23 -14.28 11.95
N VAL B 168 -4.26 -12.95 12.10
CA VAL B 168 -4.94 -12.31 13.22
C VAL B 168 -6.44 -12.06 12.94
N LYS B 169 -7.28 -12.24 13.94
CA LYS B 169 -8.72 -12.00 13.81
C LYS B 169 -9.21 -11.11 14.95
N VAL B 170 -10.06 -10.14 14.62
CA VAL B 170 -10.67 -9.22 15.59
C VAL B 170 -11.89 -9.95 16.15
N ALA B 171 -11.92 -10.14 17.49
CA ALA B 171 -13.01 -10.86 18.11
C ALA B 171 -13.95 -9.93 18.83
N ASP B 172 -15.21 -10.32 18.92
CA ASP B 172 -16.19 -9.54 19.64
C ASP B 172 -16.76 -10.41 20.75
N PHE B 173 -16.75 -9.89 21.99
CA PHE B 173 -17.31 -10.63 23.11
C PHE B 173 -18.54 -9.94 23.65
N GLY B 174 -19.43 -9.55 22.74
CA GLY B 174 -20.71 -8.95 23.08
C GLY B 174 -20.80 -7.44 23.12
N LEU B 175 -19.67 -6.72 22.92
CA LEU B 175 -19.70 -5.26 23.02
C LEU B 175 -19.83 -4.48 21.68
N ALA B 176 -19.51 -5.09 20.54
CA ALA B 176 -19.62 -4.39 19.25
C ALA B 176 -21.08 -4.16 18.87
N ARG B 177 -21.36 -3.03 18.20
CA ARG B 177 -22.74 -2.69 17.85
C ARG B 177 -22.87 -2.14 16.44
N ASP B 178 -23.98 -2.52 15.77
CA ASP B 178 -24.33 -2.05 14.44
C ASP B 178 -24.90 -0.64 14.58
N MET B 179 -24.37 0.32 13.81
CA MET B 179 -24.88 1.69 13.85
C MET B 179 -26.04 1.93 12.86
N TYR B 180 -26.31 0.94 11.98
CA TYR B 180 -27.35 0.90 10.97
C TYR B 180 -27.23 2.10 10.00
N ASP B 181 -28.08 3.12 10.12
CA ASP B 181 -28.02 4.29 9.27
C ASP B 181 -27.42 5.53 9.96
N LYS B 182 -27.24 5.48 11.30
CA LYS B 182 -26.60 6.57 12.03
C LYS B 182 -25.07 6.36 11.98
N GLU B 183 -24.30 7.43 12.24
CA GLU B 183 -22.83 7.31 12.24
C GLU B 183 -22.23 7.21 13.65
N TYR B 184 -23.07 7.08 14.67
CA TYR B 184 -22.69 6.99 16.09
C TYR B 184 -23.57 5.95 16.81
N TYR B 185 -23.15 5.54 18.02
CA TYR B 185 -23.91 4.60 18.84
C TYR B 185 -24.02 5.17 20.26
N LEU B 195 -15.94 -1.73 29.21
CA LEU B 195 -15.19 -0.69 28.51
C LEU B 195 -13.97 -0.20 29.29
N PRO B 196 -12.77 -0.68 28.95
CA PRO B 196 -11.57 -0.20 29.65
C PRO B 196 -11.21 1.20 29.15
N VAL B 197 -11.24 2.17 30.06
CA VAL B 197 -11.01 3.57 29.75
C VAL B 197 -9.64 3.90 29.15
N LYS B 198 -8.60 3.06 29.37
CA LYS B 198 -7.26 3.32 28.84
C LYS B 198 -7.12 3.14 27.31
N TRP B 199 -8.19 2.69 26.65
CA TRP B 199 -8.26 2.54 25.19
C TRP B 199 -9.37 3.44 24.60
N MET B 200 -10.11 4.17 25.45
CA MET B 200 -11.26 4.95 25.07
C MET B 200 -10.90 6.34 24.57
N ALA B 201 -11.47 6.73 23.44
CA ALA B 201 -11.20 8.05 22.87
C ALA B 201 -11.59 9.16 23.84
N LEU B 202 -10.99 10.34 23.70
CA LEU B 202 -11.29 11.46 24.60
C LEU B 202 -12.80 11.82 24.61
N GLU B 203 -13.40 12.04 23.43
CA GLU B 203 -14.81 12.36 23.34
C GLU B 203 -15.73 11.22 23.84
N SER B 204 -15.27 9.96 23.79
CA SER B 204 -16.07 8.85 24.28
C SER B 204 -16.13 8.87 25.81
N LEU B 205 -15.02 9.24 26.46
CA LEU B 205 -14.95 9.36 27.92
C LEU B 205 -15.84 10.52 28.41
N GLN B 206 -15.96 11.60 27.63
CA GLN B 206 -16.77 12.74 27.99
C GLN B 206 -18.27 12.57 27.67
N THR B 207 -18.65 12.31 26.40
CA THR B 207 -20.06 12.23 25.98
C THR B 207 -20.69 10.83 25.98
N GLN B 208 -19.85 9.77 26.05
CA GLN B 208 -20.30 8.39 26.01
C GLN B 208 -20.87 7.98 24.62
N LYS B 209 -20.51 8.71 23.55
CA LYS B 209 -20.93 8.38 22.19
C LYS B 209 -19.80 7.63 21.48
N PHE B 210 -20.12 6.65 20.61
CA PHE B 210 -19.07 5.88 19.93
C PHE B 210 -19.19 5.93 18.42
N THR B 211 -18.06 6.11 17.73
CA THR B 211 -17.97 6.17 16.27
C THR B 211 -16.77 5.30 15.78
N THR B 212 -16.62 5.11 14.46
CA THR B 212 -15.45 4.41 13.91
C THR B 212 -14.16 5.20 14.29
N LYS B 213 -14.26 6.55 14.35
CA LYS B 213 -13.19 7.45 14.77
C LYS B 213 -12.71 7.19 16.19
N SER B 214 -13.63 6.77 17.07
CA SER B 214 -13.24 6.41 18.43
C SER B 214 -12.56 5.02 18.45
N ASP B 215 -12.88 4.15 17.47
CA ASP B 215 -12.18 2.87 17.30
C ASP B 215 -10.73 3.13 16.79
N VAL B 216 -10.54 4.21 15.99
CA VAL B 216 -9.23 4.61 15.51
C VAL B 216 -8.33 4.98 16.67
N TRP B 217 -8.86 5.73 17.67
CA TRP B 217 -8.12 6.05 18.88
C TRP B 217 -7.66 4.76 19.60
N SER B 218 -8.59 3.78 19.77
CA SER B 218 -8.26 2.51 20.43
C SER B 218 -7.17 1.78 19.69
N PHE B 219 -7.28 1.76 18.34
CA PHE B 219 -6.30 1.15 17.47
C PHE B 219 -4.88 1.69 17.71
N GLY B 220 -4.73 3.01 17.93
CA GLY B 220 -3.44 3.58 18.27
C GLY B 220 -2.85 2.97 19.53
N VAL B 221 -3.69 2.80 20.58
CA VAL B 221 -3.28 2.14 21.83
C VAL B 221 -2.91 0.66 21.55
N LEU B 222 -3.68 -0.03 20.69
CA LEU B 222 -3.35 -1.41 20.28
C LEU B 222 -1.93 -1.45 19.59
N LEU B 223 -1.60 -0.43 18.80
CA LEU B 223 -0.29 -0.33 18.15
C LEU B 223 0.83 -0.19 19.16
N TRP B 224 0.58 0.66 20.19
CA TRP B 224 1.53 0.90 21.25
C TRP B 224 1.76 -0.38 22.04
N GLU B 225 0.70 -1.18 22.26
CA GLU B 225 0.81 -2.47 22.93
C GLU B 225 1.69 -3.40 22.13
N LEU B 226 1.51 -3.43 20.80
CA LEU B 226 2.31 -4.27 19.93
C LEU B 226 3.79 -3.85 19.95
N MET B 227 4.08 -2.53 19.90
CA MET B 227 5.45 -2.06 19.89
C MET B 227 6.16 -2.23 21.24
N THR B 228 5.43 -2.20 22.37
CA THR B 228 6.03 -2.44 23.69
C THR B 228 6.03 -3.95 24.08
N ARG B 229 5.49 -4.83 23.20
CA ARG B 229 5.34 -6.27 23.42
C ARG B 229 4.39 -6.60 24.58
N GLY B 230 3.31 -5.85 24.72
CA GLY B 230 2.30 -6.10 25.74
C GLY B 230 2.39 -5.35 27.06
N ALA B 231 3.07 -4.20 27.10
CA ALA B 231 3.15 -3.40 28.31
C ALA B 231 1.82 -2.67 28.58
N PRO B 232 1.43 -2.45 29.86
CA PRO B 232 0.15 -1.76 30.13
C PRO B 232 0.23 -0.27 29.86
N PRO B 233 -0.81 0.29 29.20
CA PRO B 233 -0.77 1.72 28.88
C PRO B 233 -1.01 2.55 30.12
N TYR B 234 -0.23 3.65 30.27
CA TYR B 234 -0.32 4.59 31.39
C TYR B 234 -0.27 3.83 32.74
N PRO B 235 0.86 3.16 33.08
CA PRO B 235 0.88 2.32 34.28
C PRO B 235 0.72 3.05 35.60
N ASP B 236 1.06 4.35 35.64
CA ASP B 236 0.94 5.13 36.86
C ASP B 236 -0.31 6.02 36.91
N VAL B 237 -1.20 5.93 35.91
CA VAL B 237 -2.43 6.72 35.92
C VAL B 237 -3.56 5.84 36.42
N ASN B 238 -4.39 6.38 37.29
CA ASN B 238 -5.53 5.63 37.80
C ASN B 238 -6.65 5.68 36.77
N THR B 239 -7.44 4.62 36.70
CA THR B 239 -8.60 4.47 35.84
C THR B 239 -9.47 5.74 35.79
N PHE B 240 -9.78 6.31 36.95
CA PHE B 240 -10.61 7.49 37.10
C PHE B 240 -9.94 8.79 36.65
N ASP B 241 -8.60 8.84 36.75
CA ASP B 241 -7.83 10.05 36.49
C ASP B 241 -7.34 10.23 35.03
N ILE B 242 -7.69 9.32 34.11
CA ILE B 242 -7.21 9.38 32.73
C ILE B 242 -7.80 10.55 31.92
N THR B 243 -9.04 10.95 32.19
CA THR B 243 -9.67 12.07 31.47
C THR B 243 -8.96 13.39 31.78
N VAL B 244 -8.61 13.58 33.06
CA VAL B 244 -7.86 14.77 33.51
C VAL B 244 -6.41 14.70 32.99
N TYR B 245 -5.84 13.48 32.88
CA TYR B 245 -4.48 13.22 32.38
C TYR B 245 -4.34 13.63 30.91
N LEU B 246 -5.22 13.13 30.01
CA LEU B 246 -5.12 13.47 28.58
C LEU B 246 -5.38 14.95 28.33
N LEU B 247 -6.31 15.57 29.08
CA LEU B 247 -6.62 17.00 28.95
C LEU B 247 -5.48 17.92 29.44
N GLN B 248 -4.46 17.35 30.13
CA GLN B 248 -3.28 18.12 30.49
C GLN B 248 -2.33 18.32 29.28
N GLY B 249 -2.60 17.63 28.16
CA GLY B 249 -1.81 17.69 26.92
C GLY B 249 -0.86 16.53 26.86
N ARG B 250 -1.35 15.33 27.19
CA ARG B 250 -0.52 14.15 27.30
C ARG B 250 -0.91 12.95 26.39
N ARG B 251 0.10 12.27 25.82
CA ARG B 251 -0.10 11.06 25.03
C ARG B 251 0.89 9.98 25.48
N LEU B 252 0.65 8.70 25.11
CA LEU B 252 1.59 7.62 25.42
C LEU B 252 2.98 7.95 24.80
N LEU B 253 4.10 7.56 25.44
CA LEU B 253 5.44 7.86 24.91
C LEU B 253 5.82 6.89 23.80
N GLN B 254 6.76 7.27 22.92
CA GLN B 254 7.22 6.40 21.84
C GLN B 254 8.08 5.26 22.37
N PRO B 255 7.65 4.01 22.14
CA PRO B 255 8.44 2.86 22.60
C PRO B 255 9.80 2.82 21.91
N GLU B 256 10.78 2.24 22.58
CA GLU B 256 12.12 2.08 22.04
C GLU B 256 12.21 1.51 20.61
N TYR B 257 11.47 0.42 20.29
CA TYR B 257 11.57 -0.17 18.97
C TYR B 257 10.48 0.24 17.98
N CYS B 258 9.72 1.29 18.30
CA CYS B 258 8.69 1.80 17.41
C CYS B 258 9.32 2.75 16.41
N PRO B 259 9.14 2.51 15.10
CA PRO B 259 9.71 3.41 14.09
C PRO B 259 9.11 4.81 14.15
N ASP B 260 9.93 5.87 13.91
CA ASP B 260 9.47 7.26 13.92
C ASP B 260 8.19 7.48 13.09
N PRO B 261 8.05 6.98 11.85
CA PRO B 261 6.78 7.17 11.11
C PRO B 261 5.58 6.44 11.72
N LEU B 262 5.79 5.33 12.47
CA LEU B 262 4.69 4.58 13.10
C LEU B 262 4.17 5.31 14.32
N TYR B 263 5.09 5.89 15.12
CA TYR B 263 4.69 6.70 16.26
C TYR B 263 3.87 7.94 15.80
N GLU B 264 4.21 8.54 14.65
CA GLU B 264 3.43 9.66 14.12
C GLU B 264 2.02 9.24 13.71
N VAL B 265 1.85 7.99 13.27
CA VAL B 265 0.57 7.38 12.91
C VAL B 265 -0.26 7.21 14.19
N MET B 266 0.38 6.82 15.31
CA MET B 266 -0.27 6.76 16.63
C MET B 266 -0.79 8.18 16.99
N LEU B 267 0.08 9.21 16.91
CA LEU B 267 -0.34 10.58 17.19
C LEU B 267 -1.52 11.07 16.33
N LYS B 268 -1.63 10.60 15.07
CA LYS B 268 -2.73 10.91 14.16
C LYS B 268 -4.01 10.16 14.66
N CYS B 269 -3.84 8.88 15.09
CA CYS B 269 -4.94 8.10 15.66
C CYS B 269 -5.52 8.80 16.90
N TRP B 270 -4.69 9.61 17.64
CA TRP B 270 -5.09 10.28 18.88
C TRP B 270 -5.32 11.77 18.68
N HIS B 271 -5.78 12.16 17.48
CA HIS B 271 -6.08 13.58 17.19
C HIS B 271 -7.18 14.05 18.11
N PRO B 272 -7.07 15.25 18.71
CA PRO B 272 -8.15 15.73 19.59
C PRO B 272 -9.49 15.86 18.86
N LYS B 273 -9.45 16.14 17.55
CA LYS B 273 -10.61 16.30 16.67
C LYS B 273 -10.86 14.95 15.99
N ALA B 274 -11.93 14.24 16.39
CA ALA B 274 -12.26 12.93 15.86
C ALA B 274 -12.29 12.83 14.33
N GLU B 275 -12.99 13.76 13.64
CA GLU B 275 -13.09 13.73 12.18
C GLU B 275 -11.71 13.93 11.48
N MET B 276 -10.72 14.49 12.18
CA MET B 276 -9.37 14.66 11.64
C MET B 276 -8.50 13.40 11.72
N ARG B 277 -8.97 12.35 12.41
CA ARG B 277 -8.23 11.10 12.56
C ARG B 277 -8.26 10.34 11.26
N PRO B 278 -7.22 9.54 10.94
CA PRO B 278 -7.26 8.76 9.70
C PRO B 278 -8.34 7.69 9.73
N SER B 279 -8.80 7.27 8.53
CA SER B 279 -9.75 6.17 8.45
C SER B 279 -8.93 4.85 8.49
N PHE B 280 -9.60 3.69 8.68
CA PHE B 280 -8.90 2.41 8.61
C PHE B 280 -8.42 2.10 7.17
N SER B 281 -9.05 2.70 6.16
CA SER B 281 -8.63 2.54 4.77
C SER B 281 -7.24 3.23 4.62
N GLU B 282 -7.09 4.46 5.17
CA GLU B 282 -5.85 5.23 5.15
C GLU B 282 -4.78 4.54 6.04
N LEU B 283 -5.19 4.04 7.19
CA LEU B 283 -4.34 3.35 8.13
C LEU B 283 -3.76 2.06 7.49
N VAL B 284 -4.56 1.31 6.70
CA VAL B 284 -4.05 0.10 6.01
C VAL B 284 -2.99 0.53 4.97
N SER B 285 -3.29 1.59 4.23
CA SER B 285 -2.34 2.13 3.26
C SER B 285 -0.99 2.55 3.94
N ARG B 286 -1.04 3.45 4.94
CA ARG B 286 0.15 3.91 5.64
C ARG B 286 0.96 2.82 6.33
N ILE B 287 0.27 1.84 6.94
CA ILE B 287 0.96 0.75 7.61
C ILE B 287 1.57 -0.23 6.58
N SER B 288 0.95 -0.36 5.38
CA SER B 288 1.54 -1.22 4.33
C SER B 288 2.91 -0.68 3.90
N ALA B 289 3.02 0.65 3.73
CA ALA B 289 4.26 1.30 3.38
C ALA B 289 5.33 1.07 4.46
N ILE B 290 4.98 1.26 5.77
CA ILE B 290 5.93 1.11 6.86
C ILE B 290 6.47 -0.31 6.93
N PHE B 291 5.59 -1.30 6.99
CA PHE B 291 5.90 -2.71 6.99
C PHE B 291 6.79 -3.10 5.80
N SER B 292 6.48 -2.61 4.57
CA SER B 292 7.27 -2.98 3.38
C SER B 292 8.76 -2.58 3.45
N THR B 293 9.11 -1.50 4.17
CA THR B 293 10.48 -1.06 4.34
C THR B 293 11.36 -2.06 5.11
N PHE B 294 10.75 -3.05 5.78
CA PHE B 294 11.50 -4.01 6.59
C PHE B 294 11.85 -5.28 5.84
N ILE B 295 13.04 -5.83 6.11
CA ILE B 295 13.49 -7.11 5.55
C ILE B 295 13.14 -8.21 6.59
S SO4 C . 0.83 -10.37 -4.99
O1 SO4 C . 1.03 -9.77 -3.66
O2 SO4 C . 0.15 -11.69 -4.84
O3 SO4 C . -0.04 -9.48 -5.79
O4 SO4 C . 2.12 -10.57 -5.65
S SO4 D . 2.00 21.00 -22.68
O1 SO4 D . 1.59 20.98 -21.29
O2 SO4 D . 0.82 21.02 -23.56
O3 SO4 D . 2.81 22.21 -22.90
O4 SO4 D . 2.79 19.79 -22.98
S SO4 E . 8.18 24.28 -29.47
O1 SO4 E . 8.59 22.87 -29.31
O2 SO4 E . 6.83 24.32 -30.04
O3 SO4 E . 9.10 24.96 -30.38
O4 SO4 E . 8.20 24.95 -28.16
S SO4 F . 29.37 8.95 -15.14
O1 SO4 F . 28.93 7.95 -14.16
O2 SO4 F . 28.29 9.92 -15.38
O3 SO4 F . 29.76 8.29 -16.39
O4 SO4 F . 30.54 9.65 -14.60
C1 MDI G . 19.34 15.36 -30.05
C2 MDI G . 18.45 15.76 -31.03
C3 MDI G . 17.14 16.08 -30.73
C7 MDI G . 19.46 14.96 -27.38
C8 MDI G . 18.97 13.65 -26.79
C9 MDI G . 17.53 14.02 -26.42
C10 MDI G . 17.20 15.49 -26.93
C11 MDI G . 21.19 16.66 -27.09
C12 MDI G . 22.02 14.45 -27.35
C13 MDI G . 23.37 15.13 -27.20
C14 MDI G . 24.00 15.12 -25.96
C15 MDI G . 25.23 15.76 -25.84
C16 MDI G . 25.78 16.38 -26.95
C19 MDI G . 15.25 16.40 -29.17
C20 MDI G . 14.94 17.35 -28.18
C21 MDI G . 13.65 17.75 -27.94
C22 MDI G . 12.61 17.26 -28.71
C24 MDI G . 12.91 16.33 -29.72
F1 MDI G . 23.44 15.17 -23.67
C18 MDI G . 23.33 14.43 -24.80
F MDI G . 23.99 13.25 -24.62
C17 MDI G . 25.08 16.33 -28.14
N1 MDI G . 23.90 15.73 -28.29
O MDI G . 21.97 13.26 -27.51
N MDI G . 20.92 15.24 -27.29
C6 MDI G . 18.86 15.29 -28.73
C MDI G . 20.76 15.01 -30.43
C5 MDI G . 17.55 15.63 -28.40
C4 MDI G . 16.66 16.01 -29.41
C25 MDI G . 14.22 15.91 -29.96
N3 MDI G . 11.74 16.00 -30.32
N2 MDI G . 10.68 16.67 -29.75
C23 MDI G . 11.20 17.42 -28.78
C26 MDI G . 10.32 18.31 -27.93
S SO4 H . 1.97 13.15 6.77
O1 SO4 H . 2.09 13.49 8.19
O2 SO4 H . 0.55 13.15 6.36
O3 SO4 H . 2.73 14.17 6.04
O4 SO4 H . 2.60 11.81 6.57
C1 MDI I . -18.97 -18.50 20.51
C2 MDI I . -18.33 -19.65 20.04
C3 MDI I . -16.96 -19.78 20.06
C7 MDI I . -18.34 -16.12 21.64
C8 MDI I . -17.93 -14.96 20.77
C9 MDI I . -16.40 -15.10 20.80
C10 MDI I . -16.03 -16.40 21.62
C11 MDI I . -19.44 -16.34 23.82
C12 MDI I . -20.83 -15.50 22.07
C13 MDI I . -21.90 -15.44 23.14
C14 MDI I . -22.03 -14.28 23.90
C15 MDI I . -23.02 -14.25 24.89
C16 MDI I . -23.82 -15.36 25.07
C19 MDI I . -14.68 -18.99 20.58
C20 MDI I . -13.98 -18.88 21.79
C21 MDI I . -12.62 -19.11 21.88
C22 MDI I . -11.92 -19.49 20.75
C24 MDI I . -12.61 -19.63 19.54
F1 MDI I . -20.06 -13.15 24.49
C18 MDI I . -21.10 -13.14 23.60
F MDI I . -21.75 -11.94 23.63
C17 MDI I . -23.62 -16.46 24.26
N1 MDI I . -22.67 -16.52 23.31
O MDI I . -21.10 -15.12 20.95
N MDI I . -19.60 -15.95 22.42
C6 MDI I . -18.14 -17.49 21.01
C MDI I . -20.48 -18.40 20.45
C5 MDI I . -16.76 -17.60 21.06
C4 MDI I . -16.15 -18.76 20.57
C25 MDI I . -13.98 -19.38 19.44
N3 MDI I . -11.70 -20.00 18.61
N2 MDI I . -10.44 -20.11 19.15
C23 MDI I . -10.56 -19.82 20.42
C26 MDI I . -9.38 -19.84 21.34
#